data_3H04
#
_entry.id   3H04
#
_cell.length_a   47.033
_cell.length_b   47.033
_cell.length_c   404.486
_cell.angle_alpha   90.00
_cell.angle_beta   90.00
_cell.angle_gamma   120.00
#
_symmetry.space_group_name_H-M   'P 61 2 2'
#
loop_
_entity.id
_entity.type
_entity.pdbx_description
1 polymer 'uncharacterized protein'
2 water water
#
_entity_poly.entity_id   1
_entity_poly.type   'polypeptide(L)'
_entity_poly.pdbx_seq_one_letter_code
;MTEIKYKVITKDAFALPYTIIKAKNQPTKGVIVYIHGGGLMFGKANDLSPQYIDILTEHYDLIQLSYRLLPEVSLDCIIE
DVYASFDAIQSQYSNCPIFTFGRSSGAYLSLLIARDRDIDGVIDFYGYSRINTEPFKTTNSYYAKIAQSINETMIAQLTS
PTPVVQDQIAQRFLIYVYARGTGKWINMINIADYTDSKYNIAPDELKTLPPVFIAHCNGDYDVPVEESEHIMNHVPHSTF
ERVNKNEHDFDRRPNDEAITIYRKVVDFLNAITMV
;
_entity_poly.pdbx_strand_id   A
#
# COMPACT_ATOMS: atom_id res chain seq x y z
N GLU A 3 8.34 10.18 -17.22
CA GLU A 3 6.99 9.73 -16.75
C GLU A 3 5.97 9.66 -17.89
N ILE A 4 5.34 8.49 -18.05
CA ILE A 4 4.29 8.29 -19.07
C ILE A 4 2.93 7.89 -18.47
N LYS A 5 1.91 8.67 -18.84
CA LYS A 5 0.55 8.56 -18.30
C LYS A 5 -0.36 7.63 -19.09
N TYR A 6 -1.12 6.81 -18.37
CA TYR A 6 -2.07 5.87 -18.94
C TYR A 6 -3.33 5.95 -18.11
N LYS A 7 -4.40 5.34 -18.60
CA LYS A 7 -5.55 5.16 -17.71
C LYS A 7 -6.19 3.82 -17.95
N VAL A 8 -6.84 3.32 -16.91
CA VAL A 8 -7.66 2.16 -17.00
C VAL A 8 -9.06 2.65 -16.73
N ILE A 9 -9.98 2.25 -17.59
CA ILE A 9 -11.40 2.60 -17.48
C ILE A 9 -12.08 1.47 -16.70
N THR A 10 -12.64 1.77 -15.53
CA THR A 10 -13.33 0.76 -14.68
C THR A 10 -14.70 0.25 -15.28
N LYS A 11 -15.28 -0.82 -14.70
CA LYS A 11 -16.62 -1.30 -15.11
C LYS A 11 -17.67 -0.20 -15.05
N ASP A 12 -17.53 0.70 -14.06
CA ASP A 12 -18.41 1.82 -13.92
C ASP A 12 -17.96 3.09 -14.65
N ALA A 13 -17.03 2.98 -15.59
CA ALA A 13 -16.68 4.07 -16.49
C ALA A 13 -15.89 5.16 -15.79
N PHE A 14 -15.16 4.79 -14.73
CA PHE A 14 -14.31 5.73 -13.98
C PHE A 14 -12.89 5.59 -14.47
N ALA A 15 -12.19 6.71 -14.69
CA ALA A 15 -10.78 6.65 -15.12
C ALA A 15 -9.83 6.49 -13.92
N LEU A 16 -8.98 5.45 -13.96
CA LEU A 16 -7.94 5.30 -12.95
C LEU A 16 -6.63 5.56 -13.64
N PRO A 17 -5.99 6.71 -13.37
CA PRO A 17 -4.71 6.98 -14.01
C PRO A 17 -3.62 6.09 -13.43
N TYR A 18 -2.63 5.77 -14.25
CA TYR A 18 -1.39 5.21 -13.75
C TYR A 18 -0.25 5.75 -14.59
N THR A 19 0.93 5.82 -13.97
CA THR A 19 2.17 6.27 -14.59
C THR A 19 3.20 5.17 -14.60
N ILE A 20 3.95 5.10 -15.69
CA ILE A 20 5.06 4.19 -15.81
C ILE A 20 6.30 5.03 -15.96
N ILE A 21 7.28 4.78 -15.09
CA ILE A 21 8.61 5.31 -15.26
C ILE A 21 9.48 4.17 -15.72
N LYS A 22 10.14 4.32 -16.88
CA LYS A 22 10.94 3.26 -17.50
C LYS A 22 12.29 3.02 -16.83
N ALA A 23 12.72 1.75 -16.87
CA ALA A 23 14.08 1.37 -16.43
C ALA A 23 15.13 2.21 -17.17
N LYS A 24 16.10 2.76 -16.43
CA LYS A 24 17.18 3.60 -16.97
C LYS A 24 18.09 2.86 -17.93
N ASN A 25 18.46 1.64 -17.55
CA ASN A 25 19.34 0.84 -18.38
C ASN A 25 18.51 -0.31 -18.91
N GLN A 26 18.40 -0.35 -20.23
CA GLN A 26 17.41 -1.15 -20.93
C GLN A 26 18.08 -2.42 -21.45
N PRO A 27 17.35 -3.56 -21.48
CA PRO A 27 15.94 -3.71 -21.17
C PRO A 27 15.65 -3.96 -19.67
N THR A 28 14.38 -3.79 -19.30
CA THR A 28 13.97 -3.96 -17.94
C THR A 28 14.19 -5.38 -17.43
N LYS A 29 14.56 -5.51 -16.17
CA LYS A 29 14.59 -6.81 -15.50
C LYS A 29 13.21 -7.22 -14.98
N GLY A 30 12.29 -6.26 -14.88
CA GLY A 30 10.97 -6.51 -14.28
C GLY A 30 10.14 -5.25 -14.08
N VAL A 31 8.91 -5.44 -13.63
CA VAL A 31 8.01 -4.34 -13.40
C VAL A 31 7.63 -4.39 -11.93
N ILE A 32 7.75 -3.23 -11.30
CA ILE A 32 7.37 -3.02 -9.92
C ILE A 32 6.08 -2.19 -9.96
N VAL A 33 4.98 -2.79 -9.51
CA VAL A 33 3.71 -2.09 -9.38
C VAL A 33 3.59 -1.49 -7.99
N TYR A 34 3.61 -0.15 -7.93
CA TYR A 34 3.69 0.57 -6.68
C TYR A 34 2.31 1.03 -6.22
N ILE A 35 1.98 0.73 -4.95
CA ILE A 35 0.71 1.12 -4.37
C ILE A 35 0.98 1.95 -3.14
N HIS A 36 0.58 3.24 -3.22
CA HIS A 36 0.88 4.22 -2.19
C HIS A 36 0.07 3.96 -0.95
N GLY A 37 0.48 4.55 0.16
CA GLY A 37 -0.23 4.38 1.42
C GLY A 37 -1.32 5.44 1.66
N GLY A 38 -1.61 5.69 2.92
CA GLY A 38 -2.63 6.69 3.32
C GLY A 38 -3.89 6.16 3.96
N GLY A 39 -3.76 4.98 4.60
CA GLY A 39 -4.86 4.34 5.34
C GLY A 39 -6.13 4.09 4.54
N LEU A 40 -5.96 3.96 3.23
CA LEU A 40 -7.01 3.85 2.22
C LEU A 40 -7.87 5.12 2.07
N MET A 41 -7.49 6.22 2.73
CA MET A 41 -8.38 7.39 2.84
C MET A 41 -7.77 8.68 2.30
N PHE A 42 -6.44 8.75 2.23
CA PHE A 42 -5.79 9.89 1.66
C PHE A 42 -4.53 9.45 0.88
N GLY A 43 -3.85 10.42 0.30
CA GLY A 43 -2.57 10.14 -0.35
C GLY A 43 -2.64 10.39 -1.85
N LYS A 44 -1.59 9.98 -2.52
CA LYS A 44 -1.50 10.09 -3.99
C LYS A 44 -0.45 9.08 -4.46
N ALA A 45 -0.59 8.68 -5.73
CA ALA A 45 0.25 7.67 -6.36
C ALA A 45 1.72 8.09 -6.48
N ASN A 46 1.94 9.39 -6.78
CA ASN A 46 3.30 9.91 -6.96
C ASN A 46 3.91 10.50 -5.66
N ASP A 47 3.91 9.71 -4.57
CA ASP A 47 4.40 10.16 -3.26
C ASP A 47 5.77 9.62 -2.89
N LEU A 48 6.41 8.89 -3.81
CA LEU A 48 7.76 8.36 -3.60
C LEU A 48 8.82 9.45 -3.85
N SER A 49 9.81 9.60 -2.98
CA SER A 49 10.94 10.53 -3.29
C SER A 49 11.63 10.15 -4.59
N PRO A 50 12.05 11.16 -5.36
CA PRO A 50 12.86 10.95 -6.57
C PRO A 50 14.04 10.02 -6.33
N GLN A 51 14.66 10.14 -5.17
CA GLN A 51 15.83 9.31 -4.85
C GLN A 51 15.48 7.81 -4.80
N TYR A 52 14.29 7.49 -4.30
CA TYR A 52 13.85 6.09 -4.24
C TYR A 52 13.53 5.60 -5.63
N ILE A 53 12.90 6.49 -6.42
CA ILE A 53 12.60 6.15 -7.80
C ILE A 53 13.88 5.87 -8.58
N ASP A 54 14.92 6.67 -8.38
CA ASP A 54 16.18 6.41 -9.08
C ASP A 54 16.79 5.05 -8.75
N ILE A 55 16.77 4.67 -7.48
CA ILE A 55 17.25 3.32 -7.12
C ILE A 55 16.41 2.18 -7.77
N LEU A 56 15.08 2.31 -7.72
CA LEU A 56 14.20 1.25 -8.14
C LEU A 56 14.24 1.14 -9.67
N THR A 57 14.34 2.25 -10.38
CA THR A 57 14.19 2.22 -11.85
C THR A 57 15.51 2.08 -12.63
N GLU A 58 16.61 1.83 -11.94
CA GLU A 58 17.86 1.57 -12.64
C GLU A 58 17.68 0.45 -13.63
N HIS A 59 17.05 -0.63 -13.16
CA HIS A 59 16.85 -1.83 -13.98
C HIS A 59 15.43 -2.36 -14.02
N TYR A 60 14.52 -1.72 -13.27
CA TYR A 60 13.12 -2.11 -13.21
C TYR A 60 12.22 -0.98 -13.69
N ASP A 61 11.09 -1.32 -14.31
CA ASP A 61 10.04 -0.30 -14.53
C ASP A 61 9.26 -0.14 -13.24
N LEU A 62 8.83 1.09 -12.97
CA LEU A 62 8.05 1.44 -11.80
C LEU A 62 6.71 1.98 -12.26
N ILE A 63 5.62 1.33 -11.86
CA ILE A 63 4.29 1.73 -12.29
C ILE A 63 3.47 2.19 -11.09
N GLN A 64 3.07 3.45 -11.04
CA GLN A 64 2.40 3.97 -9.85
C GLN A 64 0.89 3.97 -10.04
N LEU A 65 0.18 3.07 -9.38
CA LEU A 65 -1.24 2.95 -9.68
C LEU A 65 -2.13 3.76 -8.78
N SER A 66 -3.36 3.97 -9.22
CA SER A 66 -4.33 4.73 -8.45
C SER A 66 -5.57 3.91 -8.18
N TYR A 67 -6.26 4.26 -7.10
CA TYR A 67 -7.53 3.64 -6.76
C TYR A 67 -8.39 4.71 -6.07
N ARG A 68 -9.71 4.53 -6.12
CA ARG A 68 -10.63 5.46 -5.44
C ARG A 68 -10.51 5.29 -3.91
N LEU A 69 -10.57 6.40 -3.19
CA LEU A 69 -10.38 6.36 -1.77
C LEU A 69 -11.64 6.19 -0.95
N LEU A 70 -11.47 5.64 0.25
CA LEU A 70 -12.51 5.76 1.29
C LEU A 70 -12.57 7.22 1.76
N PRO A 71 -13.74 7.69 2.24
CA PRO A 71 -14.97 6.93 2.43
C PRO A 71 -15.98 7.05 1.29
N GLU A 72 -15.62 7.71 0.20
CA GLU A 72 -16.59 7.95 -0.87
C GLU A 72 -16.87 6.67 -1.66
N VAL A 73 -15.95 5.72 -1.61
CA VAL A 73 -16.22 4.34 -2.09
C VAL A 73 -15.89 3.40 -0.95
N SER A 74 -16.26 2.13 -1.09
CA SER A 74 -15.94 1.13 -0.09
C SER A 74 -14.63 0.38 -0.41
N LEU A 75 -14.16 -0.43 0.54
CA LEU A 75 -12.99 -1.26 0.29
C LEU A 75 -13.23 -2.28 -0.86
N ASP A 76 -14.48 -2.71 -1.09
CA ASP A 76 -14.76 -3.61 -2.20
C ASP A 76 -14.43 -2.91 -3.52
N CYS A 77 -14.82 -1.64 -3.61
CA CYS A 77 -14.46 -0.81 -4.75
C CYS A 77 -12.93 -0.59 -4.90
N ILE A 78 -12.21 -0.33 -3.78
CA ILE A 78 -10.78 -0.20 -3.80
C ILE A 78 -10.11 -1.45 -4.42
N ILE A 79 -10.51 -2.61 -3.94
CA ILE A 79 -9.94 -3.87 -4.40
C ILE A 79 -10.26 -4.06 -5.88
N GLU A 80 -11.47 -3.70 -6.28
CA GLU A 80 -11.83 -3.78 -7.70
C GLU A 80 -10.96 -2.84 -8.55
N ASP A 81 -10.74 -1.61 -8.09
CA ASP A 81 -9.88 -0.65 -8.83
C ASP A 81 -8.44 -1.14 -8.93
N VAL A 82 -7.90 -1.57 -7.78
CA VAL A 82 -6.54 -2.07 -7.72
C VAL A 82 -6.31 -3.26 -8.71
N TYR A 83 -7.22 -4.23 -8.70
CA TYR A 83 -7.09 -5.39 -9.58
C TYR A 83 -7.33 -5.01 -11.07
N ALA A 84 -8.21 -4.05 -11.34
CA ALA A 84 -8.43 -3.60 -12.74
C ALA A 84 -7.15 -2.89 -13.21
N SER A 85 -6.51 -2.12 -12.35
CA SER A 85 -5.27 -1.43 -12.73
C SER A 85 -4.14 -2.46 -12.84
N PHE A 86 -4.03 -3.32 -11.83
CA PHE A 86 -3.03 -4.38 -11.90
C PHE A 86 -3.12 -5.19 -13.19
N ASP A 87 -4.33 -5.61 -13.59
CA ASP A 87 -4.50 -6.48 -14.77
C ASP A 87 -4.19 -5.79 -16.06
N ALA A 88 -4.54 -4.52 -16.12
CA ALA A 88 -4.17 -3.70 -17.27
C ALA A 88 -2.65 -3.57 -17.33
N ILE A 89 -2.00 -3.40 -16.19
CA ILE A 89 -0.52 -3.34 -16.18
C ILE A 89 0.12 -4.67 -16.50
N GLN A 90 -0.34 -5.76 -15.87
CA GLN A 90 0.22 -7.08 -16.12
C GLN A 90 0.14 -7.46 -17.62
N SER A 91 -0.99 -7.21 -18.27
CA SER A 91 -1.09 -7.58 -19.70
C SER A 91 0.00 -6.89 -20.53
N GLN A 92 0.41 -5.69 -20.10
CA GLN A 92 1.45 -4.90 -20.77
C GLN A 92 2.90 -5.39 -20.53
N TYR A 93 3.07 -6.36 -19.63
CA TYR A 93 4.35 -6.95 -19.25
C TYR A 93 4.17 -8.45 -19.28
N SER A 94 3.76 -8.99 -20.43
CA SER A 94 3.29 -10.38 -20.51
C SER A 94 4.36 -11.41 -20.20
N ASN A 95 5.57 -11.18 -20.69
CA ASN A 95 6.63 -12.16 -20.56
C ASN A 95 7.68 -11.70 -19.55
N CYS A 96 7.28 -10.96 -18.51
CA CYS A 96 8.27 -10.23 -17.74
C CYS A 96 8.02 -10.37 -16.20
N PRO A 97 9.08 -10.41 -15.37
CA PRO A 97 8.84 -10.54 -13.93
C PRO A 97 8.06 -9.36 -13.42
N ILE A 98 7.14 -9.60 -12.49
CA ILE A 98 6.30 -8.53 -11.94
C ILE A 98 6.24 -8.63 -10.40
N PHE A 99 6.32 -7.47 -9.75
CA PHE A 99 6.30 -7.34 -8.32
C PHE A 99 5.29 -6.28 -7.86
N THR A 100 4.80 -6.45 -6.64
CA THR A 100 4.00 -5.40 -5.98
C THR A 100 4.82 -4.81 -4.85
N PHE A 101 4.74 -3.49 -4.72
CA PHE A 101 5.50 -2.73 -3.74
C PHE A 101 4.47 -1.80 -3.17
N GLY A 102 4.14 -1.98 -1.88
CA GLY A 102 3.25 -1.05 -1.17
C GLY A 102 3.86 -0.51 0.10
N ARG A 103 3.34 0.63 0.52
CA ARG A 103 3.66 1.24 1.79
C ARG A 103 2.38 1.38 2.54
N SER A 104 2.42 0.95 3.79
CA SER A 104 1.33 1.07 4.71
C SER A 104 0.12 0.28 4.13
N SER A 105 -1.05 0.89 3.99
CA SER A 105 -2.19 0.25 3.40
C SER A 105 -1.96 -0.18 1.94
N GLY A 106 -1.06 0.47 1.21
CA GLY A 106 -0.68 -0.03 -0.09
C GLY A 106 -0.02 -1.38 -0.08
N ALA A 107 0.70 -1.69 1.01
CA ALA A 107 1.33 -3.01 1.17
C ALA A 107 0.27 -4.06 1.42
N TYR A 108 -0.78 -3.71 2.16
CA TYR A 108 -1.96 -4.59 2.28
C TYR A 108 -2.57 -4.91 0.89
N LEU A 109 -2.83 -3.89 0.09
CA LEU A 109 -3.32 -4.10 -1.28
C LEU A 109 -2.35 -4.93 -2.13
N SER A 110 -1.05 -4.70 -1.96
CA SER A 110 -0.02 -5.44 -2.69
C SER A 110 0.01 -6.93 -2.31
N LEU A 111 -0.28 -7.22 -1.06
CA LEU A 111 -0.35 -8.61 -0.61
C LEU A 111 -1.61 -9.29 -1.10
N LEU A 112 -2.75 -8.56 -1.17
CA LEU A 112 -3.98 -9.15 -1.77
C LEU A 112 -3.74 -9.57 -3.24
N ILE A 113 -3.09 -8.68 -3.97
CA ILE A 113 -2.72 -8.97 -5.36
C ILE A 113 -1.85 -10.27 -5.38
N ALA A 114 -0.84 -10.33 -4.53
CA ALA A 114 0.00 -11.52 -4.42
C ALA A 114 -0.77 -12.82 -4.13
N ARG A 115 -1.88 -12.76 -3.41
CA ARG A 115 -2.69 -13.94 -3.18
C ARG A 115 -3.54 -14.27 -4.41
N ASP A 116 -4.08 -13.26 -5.08
CA ASP A 116 -5.13 -13.46 -6.10
C ASP A 116 -4.64 -13.43 -7.56
N ARG A 117 -3.36 -13.18 -7.76
CA ARG A 117 -2.77 -13.14 -9.08
C ARG A 117 -1.45 -13.86 -8.93
N ASP A 118 -0.75 -14.11 -10.03
CA ASP A 118 0.50 -14.81 -9.97
C ASP A 118 1.62 -13.82 -10.22
N ILE A 119 2.38 -13.48 -9.18
CA ILE A 119 3.47 -12.50 -9.30
C ILE A 119 4.75 -13.06 -8.73
N ASP A 120 5.86 -12.34 -8.90
CA ASP A 120 7.19 -12.89 -8.53
C ASP A 120 7.73 -12.49 -7.17
N GLY A 121 7.08 -11.52 -6.54
CA GLY A 121 7.48 -11.08 -5.22
C GLY A 121 6.72 -9.88 -4.74
N VAL A 122 6.83 -9.60 -3.44
CA VAL A 122 6.13 -8.48 -2.81
C VAL A 122 7.09 -7.74 -1.91
N ILE A 123 7.05 -6.40 -2.00
CA ILE A 123 7.79 -5.52 -1.12
C ILE A 123 6.77 -4.84 -0.23
N ASP A 124 6.87 -5.09 1.08
CA ASP A 124 5.88 -4.71 2.10
C ASP A 124 6.56 -3.77 3.06
N PHE A 125 6.30 -2.46 2.88
CA PHE A 125 6.82 -1.47 3.82
C PHE A 125 5.69 -1.16 4.82
N TYR A 126 5.88 -1.57 6.08
CA TYR A 126 4.99 -1.26 7.18
C TYR A 126 3.48 -1.42 6.93
N GLY A 127 3.14 -2.53 6.28
CA GLY A 127 1.77 -2.90 5.99
C GLY A 127 1.31 -4.09 6.87
N TYR A 128 0.32 -4.76 6.33
CA TYR A 128 -0.42 -5.76 7.06
C TYR A 128 -1.15 -6.62 6.06
N SER A 129 -1.54 -7.83 6.48
CA SER A 129 -2.21 -8.82 5.62
C SER A 129 -3.70 -9.05 5.97
N ARG A 130 -4.17 -8.28 6.95
CA ARG A 130 -5.52 -8.48 7.47
C ARG A 130 -6.02 -7.17 8.07
N ILE A 131 -7.32 -6.97 8.05
CA ILE A 131 -7.97 -5.82 8.73
C ILE A 131 -8.68 -6.21 10.02
N ASN A 132 -8.98 -7.49 10.19
CA ASN A 132 -9.65 -8.01 11.37
C ASN A 132 -8.65 -8.23 12.47
N THR A 133 -8.19 -7.14 13.09
CA THR A 133 -7.15 -7.23 14.11
C THR A 133 -7.48 -6.16 15.17
N GLU A 134 -7.11 -6.35 16.43
CA GLU A 134 -7.66 -5.45 17.46
C GLU A 134 -7.21 -3.96 17.30
N PRO A 135 -5.93 -3.74 16.98
CA PRO A 135 -5.46 -2.36 16.72
C PRO A 135 -6.22 -1.61 15.62
N PHE A 136 -6.79 -2.33 14.65
CA PHE A 136 -7.64 -1.67 13.65
C PHE A 136 -9.10 -1.50 14.06
N LYS A 137 -9.56 -2.34 14.96
CA LYS A 137 -10.93 -2.27 15.47
C LYS A 137 -11.08 -1.20 16.56
N THR A 138 -10.06 -1.05 17.40
CA THR A 138 -10.16 -0.17 18.54
C THR A 138 -9.50 1.20 18.30
N THR A 139 -9.70 2.09 19.26
CA THR A 139 -9.07 3.39 19.25
C THR A 139 -7.58 3.29 19.26
N ASN A 140 -6.91 4.04 18.39
CA ASN A 140 -5.46 4.15 18.39
C ASN A 140 -5.05 5.37 19.23
N SER A 141 -4.29 5.10 20.30
CA SER A 141 -3.75 6.11 21.23
C SER A 141 -3.06 7.29 20.59
N TYR A 142 -2.22 6.99 19.61
CA TYR A 142 -1.42 8.02 18.95
C TYR A 142 -2.31 9.05 18.27
N TYR A 143 -3.44 8.62 17.70
CA TYR A 143 -4.34 9.52 16.95
C TYR A 143 -5.46 10.17 17.75
N ALA A 144 -5.71 9.66 18.97
CA ALA A 144 -6.87 10.05 19.78
C ALA A 144 -7.00 11.56 20.12
N LYS A 145 -5.90 12.22 20.50
CA LYS A 145 -5.97 13.64 20.92
C LYS A 145 -6.43 14.53 19.77
N ILE A 146 -5.79 14.39 18.61
CA ILE A 146 -6.15 15.17 17.45
C ILE A 146 -7.56 14.83 17.04
N ALA A 147 -7.90 13.54 17.08
CA ALA A 147 -9.26 13.11 16.72
C ALA A 147 -10.32 13.79 17.59
N GLN A 148 -10.05 13.91 18.86
CA GLN A 148 -10.92 14.60 19.80
C GLN A 148 -10.99 16.13 19.64
N SER A 149 -10.09 16.71 18.83
CA SER A 149 -10.03 18.19 18.72
C SER A 149 -10.75 18.66 17.47
N ILE A 150 -11.21 17.71 16.66
CA ILE A 150 -12.09 18.06 15.53
C ILE A 150 -13.49 17.51 15.80
N ASN A 151 -14.44 17.77 14.90
CA ASN A 151 -15.78 17.17 15.03
C ASN A 151 -16.18 16.53 13.68
N GLU A 152 -17.35 15.93 13.64
CA GLU A 152 -17.84 15.20 12.45
C GLU A 152 -18.20 16.10 11.26
N THR A 153 -18.51 17.37 11.52
CA THR A 153 -18.80 18.27 10.41
C THR A 153 -17.49 18.65 9.77
N MET A 154 -16.54 19.05 10.64
N MET A 154 -16.53 19.05 10.61
CA MET A 154 -15.16 19.35 10.25
CA MET A 154 -15.19 19.36 10.14
C MET A 154 -14.69 18.23 9.31
C MET A 154 -14.73 18.22 9.26
N ILE A 155 -14.84 16.98 9.74
CA ILE A 155 -14.38 15.82 8.95
C ILE A 155 -15.22 15.58 7.69
N ALA A 156 -16.54 15.77 7.77
CA ALA A 156 -17.35 15.55 6.59
C ALA A 156 -17.00 16.56 5.50
N GLN A 157 -16.61 17.76 5.90
CA GLN A 157 -16.25 18.77 4.89
C GLN A 157 -14.87 18.56 4.28
N LEU A 158 -14.15 17.52 4.71
CA LEU A 158 -12.87 17.17 4.07
C LEU A 158 -13.05 16.10 3.02
N THR A 159 -14.28 15.58 2.91
CA THR A 159 -14.63 14.63 1.89
C THR A 159 -15.13 15.30 0.63
N SER A 160 -15.19 14.48 -0.40
CA SER A 160 -15.52 14.95 -1.70
C SER A 160 -16.95 14.49 -2.03
N PRO A 161 -17.68 15.28 -2.84
CA PRO A 161 -19.02 14.86 -3.21
C PRO A 161 -18.99 13.70 -4.20
N THR A 162 -17.85 13.45 -4.83
CA THR A 162 -17.72 12.27 -5.70
C THR A 162 -16.33 11.62 -5.45
N PRO A 163 -16.13 10.35 -5.81
CA PRO A 163 -14.83 9.70 -5.48
C PRO A 163 -13.65 10.33 -6.13
N VAL A 164 -12.49 10.24 -5.47
CA VAL A 164 -11.24 10.80 -5.89
C VAL A 164 -10.17 9.72 -5.82
N VAL A 165 -9.09 9.89 -6.58
CA VAL A 165 -7.94 8.98 -6.45
C VAL A 165 -6.75 9.62 -5.75
N GLN A 166 -6.88 10.87 -5.36
CA GLN A 166 -5.88 11.55 -4.61
C GLN A 166 -6.53 12.69 -3.81
N ASP A 167 -5.84 13.17 -2.81
CA ASP A 167 -6.37 14.26 -1.97
C ASP A 167 -6.83 15.38 -2.86
N GLN A 168 -8.06 15.84 -2.62
CA GLN A 168 -8.63 17.03 -3.27
C GLN A 168 -8.44 18.31 -2.44
N ILE A 169 -8.08 18.13 -1.17
CA ILE A 169 -7.81 19.21 -0.23
C ILE A 169 -6.62 18.78 0.61
N ALA A 170 -5.75 19.72 0.90
CA ALA A 170 -4.52 19.44 1.62
C ALA A 170 -4.77 18.68 2.90
N GLN A 171 -5.85 18.97 3.66
CA GLN A 171 -5.95 18.35 4.97
C GLN A 171 -6.85 17.11 5.08
N ARG A 172 -7.02 16.44 3.97
CA ARG A 172 -7.85 15.30 3.90
C ARG A 172 -7.35 14.24 4.89
N PHE A 173 -6.06 14.21 5.14
CA PHE A 173 -5.52 13.21 6.08
C PHE A 173 -6.15 13.19 7.48
N LEU A 174 -6.80 14.29 7.88
CA LEU A 174 -7.49 14.32 9.17
C LEU A 174 -8.65 13.35 9.22
N ILE A 175 -9.22 13.00 8.07
CA ILE A 175 -10.28 11.96 8.02
C ILE A 175 -9.74 10.63 8.58
N TYR A 176 -8.48 10.33 8.24
CA TYR A 176 -7.83 9.09 8.72
C TYR A 176 -7.43 9.20 10.21
N VAL A 177 -6.90 10.34 10.62
CA VAL A 177 -6.57 10.57 12.02
C VAL A 177 -7.82 10.39 12.88
N TYR A 178 -8.91 10.96 12.39
CA TYR A 178 -10.18 10.87 13.08
C TYR A 178 -10.63 9.41 13.14
N ALA A 179 -10.59 8.73 12.01
CA ALA A 179 -11.02 7.33 11.95
C ALA A 179 -10.24 6.43 12.94
N ARG A 180 -8.90 6.48 12.88
CA ARG A 180 -8.08 5.70 13.84
C ARG A 180 -8.25 6.16 15.29
N GLY A 181 -8.31 7.48 15.50
CA GLY A 181 -8.39 8.01 16.82
C GLY A 181 -9.73 7.78 17.52
N THR A 182 -10.77 7.39 16.76
CA THR A 182 -12.10 7.11 17.36
C THR A 182 -12.45 5.63 17.22
N GLY A 183 -11.55 4.88 16.60
CA GLY A 183 -11.81 3.45 16.31
C GLY A 183 -12.91 3.20 15.28
N LYS A 184 -13.17 4.16 14.40
CA LYS A 184 -14.20 4.01 13.37
C LYS A 184 -13.66 3.62 11.99
N TRP A 185 -12.38 3.25 11.91
CA TRP A 185 -11.74 2.94 10.62
C TRP A 185 -12.40 1.74 9.93
N ILE A 186 -12.68 0.69 10.67
CA ILE A 186 -13.41 -0.45 10.08
C ILE A 186 -14.82 -0.07 9.58
N ASN A 187 -15.45 0.87 10.27
CA ASN A 187 -16.76 1.34 9.86
C ASN A 187 -16.66 2.05 8.53
N MET A 188 -15.60 2.85 8.37
CA MET A 188 -15.42 3.66 7.15
C MET A 188 -14.96 2.83 5.94
N ILE A 189 -14.40 1.65 6.17
CA ILE A 189 -14.13 0.64 5.12
C ILE A 189 -15.44 0.21 4.42
N ASN A 190 -16.54 0.21 5.17
CA ASN A 190 -17.91 0.17 4.65
C ASN A 190 -18.14 -1.11 3.84
N ILE A 191 -17.84 -2.26 4.44
CA ILE A 191 -18.11 -3.54 3.79
C ILE A 191 -18.98 -4.37 4.68
N ALA A 192 -19.57 -5.44 4.11
CA ALA A 192 -20.62 -6.18 4.77
C ALA A 192 -20.02 -6.91 5.95
N ASP A 193 -18.84 -7.47 5.76
CA ASP A 193 -18.22 -8.27 6.81
C ASP A 193 -16.72 -8.22 6.72
N TYR A 194 -16.14 -7.38 7.54
CA TYR A 194 -14.67 -7.18 7.55
C TYR A 194 -13.92 -8.41 8.04
N THR A 195 -14.61 -9.41 8.59
CA THR A 195 -13.92 -10.65 9.05
C THR A 195 -13.77 -11.70 7.97
N ASP A 196 -14.26 -11.39 6.78
CA ASP A 196 -14.33 -12.32 5.66
C ASP A 196 -12.97 -12.57 5.03
N SER A 197 -12.74 -13.80 4.56
CA SER A 197 -11.37 -14.17 4.09
C SER A 197 -10.93 -13.37 2.88
N LYS A 198 -11.88 -12.78 2.17
CA LYS A 198 -11.53 -11.81 1.13
C LYS A 198 -10.53 -10.73 1.62
N TYR A 199 -10.73 -10.24 2.84
CA TYR A 199 -9.97 -9.09 3.35
C TYR A 199 -8.86 -9.46 4.36
N ASN A 200 -8.69 -10.75 4.62
CA ASN A 200 -7.83 -11.29 5.66
C ASN A 200 -7.14 -12.51 5.08
N ILE A 201 -5.83 -12.41 4.81
CA ILE A 201 -5.13 -13.48 4.08
C ILE A 201 -4.92 -14.65 5.01
N ALA A 202 -5.55 -15.80 4.69
CA ALA A 202 -5.51 -16.98 5.56
C ALA A 202 -4.10 -17.58 5.66
N PRO A 203 -3.81 -18.33 6.75
CA PRO A 203 -2.48 -18.96 6.87
C PRO A 203 -2.06 -19.82 5.66
N ASP A 204 -3.02 -20.59 5.11
CA ASP A 204 -2.75 -21.47 3.97
C ASP A 204 -2.45 -20.71 2.69
N GLU A 205 -2.98 -19.49 2.61
CA GLU A 205 -2.74 -18.57 1.53
C GLU A 205 -1.40 -17.85 1.71
N LEU A 206 -1.07 -17.44 2.93
CA LEU A 206 0.23 -16.83 3.23
C LEU A 206 1.39 -17.79 2.87
N LYS A 207 1.17 -19.07 3.20
CA LYS A 207 2.12 -20.14 2.92
C LYS A 207 2.47 -20.31 1.45
N THR A 208 1.60 -19.84 0.57
CA THR A 208 1.83 -19.97 -0.85
C THR A 208 2.24 -18.66 -1.50
N LEU A 209 2.49 -17.61 -0.71
CA LEU A 209 2.89 -16.34 -1.30
C LEU A 209 4.30 -16.40 -1.88
N PRO A 210 4.58 -15.60 -2.94
CA PRO A 210 5.95 -15.48 -3.45
C PRO A 210 6.83 -14.75 -2.40
N PRO A 211 8.12 -14.57 -2.65
CA PRO A 211 8.91 -14.00 -1.58
C PRO A 211 8.50 -12.59 -1.17
N VAL A 212 8.59 -12.32 0.13
CA VAL A 212 8.18 -11.05 0.68
C VAL A 212 9.31 -10.30 1.35
N PHE A 213 9.58 -9.09 0.90
CA PHE A 213 10.56 -8.21 1.61
C PHE A 213 9.78 -7.34 2.60
N ILE A 214 10.16 -7.32 3.87
CA ILE A 214 9.41 -6.57 4.89
C ILE A 214 10.36 -5.56 5.50
N ALA A 215 9.91 -4.29 5.62
CA ALA A 215 10.64 -3.26 6.41
C ALA A 215 9.58 -2.67 7.34
N HIS A 216 9.86 -2.66 8.63
CA HIS A 216 8.90 -2.24 9.61
C HIS A 216 9.58 -1.78 10.90
N CYS A 217 9.22 -0.64 11.45
CA CYS A 217 9.79 -0.15 12.70
C CYS A 217 9.22 -0.90 13.88
N ASN A 218 10.07 -1.31 14.81
CA ASN A 218 9.51 -1.98 15.98
C ASN A 218 8.55 -1.13 16.79
N GLY A 219 8.73 0.19 16.80
CA GLY A 219 7.91 1.09 17.61
C GLY A 219 6.84 1.78 16.77
N ASP A 220 6.45 1.16 15.65
CA ASP A 220 5.40 1.74 14.77
C ASP A 220 4.10 1.90 15.55
N TYR A 221 3.64 3.13 15.64
CA TYR A 221 2.43 3.53 16.36
C TYR A 221 1.13 3.40 15.52
N ASP A 222 1.26 3.18 14.21
CA ASP A 222 0.13 3.18 13.28
C ASP A 222 -0.29 1.74 12.87
N VAL A 223 0.70 0.93 12.49
CA VAL A 223 0.55 -0.47 12.16
C VAL A 223 1.50 -1.23 13.07
N PRO A 224 0.99 -1.97 14.01
CA PRO A 224 1.91 -2.67 14.91
C PRO A 224 2.90 -3.61 14.15
N VAL A 225 4.15 -3.67 14.62
CA VAL A 225 5.14 -4.57 14.01
C VAL A 225 4.71 -6.05 14.05
N GLU A 226 3.88 -6.41 15.02
CA GLU A 226 3.25 -7.74 14.98
C GLU A 226 2.54 -8.13 13.67
N GLU A 227 2.08 -7.15 12.88
CA GLU A 227 1.45 -7.49 11.58
C GLU A 227 2.49 -8.10 10.62
N SER A 228 3.70 -7.59 10.69
CA SER A 228 4.80 -8.15 9.90
C SER A 228 5.25 -9.51 10.46
N GLU A 229 5.35 -9.60 11.81
CA GLU A 229 5.69 -10.90 12.47
C GLU A 229 4.67 -11.96 12.07
N HIS A 230 3.40 -11.58 12.00
CA HIS A 230 2.34 -12.50 11.54
C HIS A 230 2.61 -13.07 10.13
N ILE A 231 3.04 -12.21 9.22
CA ILE A 231 3.33 -12.65 7.86
C ILE A 231 4.53 -13.62 7.87
N MET A 232 5.54 -13.24 8.63
CA MET A 232 6.75 -14.07 8.80
C MET A 232 6.47 -15.38 9.50
N ASN A 233 5.38 -15.48 10.27
CA ASN A 233 4.95 -16.77 10.81
C ASN A 233 4.48 -17.82 9.77
N HIS A 234 4.31 -17.43 8.52
CA HIS A 234 3.71 -18.34 7.52
C HIS A 234 4.37 -18.37 6.14
N VAL A 235 4.87 -17.24 5.65
CA VAL A 235 5.38 -17.19 4.26
C VAL A 235 6.70 -17.93 4.12
N PRO A 236 6.93 -18.56 2.94
CA PRO A 236 8.08 -19.42 2.83
C PRO A 236 9.42 -18.70 2.63
N HIS A 237 9.38 -17.48 2.09
CA HIS A 237 10.59 -16.73 1.83
C HIS A 237 10.36 -15.31 2.25
N SER A 238 11.16 -14.86 3.23
CA SER A 238 11.08 -13.47 3.71
C SER A 238 12.43 -12.89 3.98
N THR A 239 12.51 -11.58 3.90
CA THR A 239 13.67 -10.81 4.28
C THR A 239 13.05 -9.71 5.10
N PHE A 240 13.62 -9.44 6.27
CA PHE A 240 13.00 -8.57 7.26
C PHE A 240 14.05 -7.54 7.75
N GLU A 241 13.74 -6.28 7.51
CA GLU A 241 14.38 -5.17 8.18
C GLU A 241 13.50 -4.62 9.27
N ARG A 242 13.95 -4.85 10.47
CA ARG A 242 13.22 -4.54 11.68
C ARG A 242 13.93 -3.28 12.21
N VAL A 243 13.37 -2.13 11.89
CA VAL A 243 14.00 -0.85 12.15
C VAL A 243 13.71 -0.40 13.58
N ASN A 244 14.77 -0.05 14.32
CA ASN A 244 14.67 0.29 15.73
C ASN A 244 14.34 1.77 15.91
N LYS A 245 13.12 2.13 15.53
CA LYS A 245 12.64 3.50 15.67
C LYS A 245 11.20 3.45 16.06
N ASN A 246 10.73 4.54 16.65
CA ASN A 246 9.34 4.68 17.02
C ASN A 246 8.67 5.50 15.93
N GLU A 247 8.69 4.97 14.71
CA GLU A 247 8.16 5.68 13.54
C GLU A 247 7.30 4.72 12.73
N HIS A 248 6.54 5.26 11.77
CA HIS A 248 5.73 4.43 10.87
C HIS A 248 6.48 4.49 9.55
N ASP A 249 6.36 5.62 8.85
CA ASP A 249 7.04 5.82 7.56
C ASP A 249 8.48 6.31 7.74
N PHE A 250 9.33 5.34 8.06
CA PHE A 250 10.74 5.61 8.38
C PHE A 250 11.48 6.25 7.19
N ASP A 251 10.92 6.05 5.99
CA ASP A 251 11.44 6.56 4.72
C ASP A 251 10.79 7.86 4.28
N ARG A 252 10.09 8.52 5.17
CA ARG A 252 9.52 9.83 4.81
C ARG A 252 10.59 10.73 4.15
N ARG A 253 11.81 10.76 4.70
CA ARG A 253 12.96 11.44 4.06
C ARG A 253 14.08 10.50 3.59
N PRO A 254 14.70 10.84 2.47
CA PRO A 254 15.69 9.89 1.94
C PRO A 254 17.00 9.89 2.70
N ASN A 255 16.92 9.61 4.01
CA ASN A 255 18.10 9.51 4.84
C ASN A 255 18.94 8.29 4.46
N ASP A 256 20.14 8.23 4.99
CA ASP A 256 21.04 7.16 4.59
C ASP A 256 20.48 5.78 4.93
N GLU A 257 19.82 5.66 6.07
CA GLU A 257 19.25 4.37 6.45
C GLU A 257 18.14 3.94 5.50
N ALA A 258 17.33 4.90 5.06
CA ALA A 258 16.26 4.61 4.12
C ALA A 258 16.80 4.20 2.75
N ILE A 259 17.84 4.87 2.30
CA ILE A 259 18.46 4.53 1.02
C ILE A 259 19.00 3.11 1.09
N THR A 260 19.63 2.77 2.20
CA THR A 260 20.19 1.44 2.35
C THR A 260 19.16 0.32 2.21
N ILE A 261 18.02 0.52 2.84
CA ILE A 261 16.89 -0.39 2.73
C ILE A 261 16.35 -0.48 1.28
N TYR A 262 16.22 0.63 0.59
CA TYR A 262 15.84 0.62 -0.83
C TYR A 262 16.84 -0.13 -1.70
N ARG A 263 18.14 0.01 -1.43
CA ARG A 263 19.15 -0.77 -2.13
C ARG A 263 19.01 -2.25 -1.83
N LYS A 264 18.68 -2.60 -0.59
CA LYS A 264 18.37 -3.99 -0.24
C LYS A 264 17.12 -4.53 -0.96
N VAL A 265 16.16 -3.65 -1.23
CA VAL A 265 14.99 -4.04 -2.00
C VAL A 265 15.40 -4.52 -3.38
N VAL A 266 16.22 -3.70 -4.04
CA VAL A 266 16.75 -4.04 -5.37
C VAL A 266 17.57 -5.35 -5.42
N ASP A 267 18.36 -5.57 -4.38
CA ASP A 267 19.11 -6.81 -4.20
C ASP A 267 18.15 -7.98 -4.13
N PHE A 268 17.07 -7.80 -3.38
CA PHE A 268 16.01 -8.82 -3.26
C PHE A 268 15.38 -9.09 -4.62
N LEU A 269 15.03 -8.03 -5.35
CA LEU A 269 14.55 -8.20 -6.73
C LEU A 269 15.58 -8.86 -7.64
N ASN A 270 16.80 -8.40 -7.59
CA ASN A 270 17.85 -9.00 -8.44
C ASN A 270 18.05 -10.49 -8.23
N ALA A 271 18.01 -10.95 -6.97
CA ALA A 271 18.12 -12.37 -6.64
C ALA A 271 17.00 -13.12 -7.29
N ILE A 272 15.82 -12.52 -7.30
CA ILE A 272 14.68 -13.20 -7.87
C ILE A 272 14.75 -13.28 -9.39
N THR A 273 15.14 -12.20 -10.05
CA THR A 273 15.14 -12.13 -11.51
C THR A 273 16.43 -12.69 -12.18
N MET A 274 17.49 -12.99 -11.41
CA MET A 274 18.75 -13.53 -11.95
C MET A 274 18.57 -14.76 -12.83
#